data_2YP4
#
_entry.id   2YP4
#
_cell.length_a   101.210
_cell.length_b   101.210
_cell.length_c   387.940
_cell.angle_alpha   90.00
_cell.angle_beta   90.00
_cell.angle_gamma   120.00
#
_symmetry.space_group_name_H-M   'H 3 2'
#
loop_
_entity.id
_entity.type
_entity.pdbx_description
1 polymer HEMAGGLUTININ
2 branched alpha-D-mannopyranose-(1-4)-2-acetamido-2-deoxy-beta-D-glucopyranose-(1-4)-2-acetamido-2-deoxy-beta-D-glucopyranose
3 branched 'N-acetyl-alpha-neuraminic acid-(2-6)-beta-D-galactopyranose-(1-4)-2-acetamido-2-deoxy-beta-D-glucopyranose-(1-3)-beta-D-galactopyranose-(1-4)-beta-D-glucopyranose'
4 non-polymer 2-acetamido-2-deoxy-beta-D-glucopyranose
5 non-polymer '4-(2-HYDROXYETHYL)-1-PIPERAZINE ETHANESULFONIC ACID'
6 non-polymer TRIS(HYDROXYETHYL)AMINOMETHANE
7 water water
#
_entity_poly.entity_id   1
_entity_poly.type   'polypeptide(L)'
_entity_poly.pdbx_seq_one_letter_code
;QKLPGNDNSTATLCLGHHAVPNGTIVKTITNDQIEVTNATELVQSSSTGGICDSPHQILDGENCTLIDALLGDPQCDGFQ
NKKWDLFVERSKAYSNCYPYDVPDYASLRSLVASSGTLEFNNESFNWTGVTQNGTSSACKRRSNNSFFSRLNWLTHLKFK
YPALNVTMPNNEKFDKLYIWGVHHPGTDNDQISLYAQASGRITVSTKRSQQTVIPNIGSRPRVRDIPSRISIYWTIVKPG
DILLINSTGNLIAPRGYFKIRSGKSSIMRSDAPIGKCNSECITPNGSIPNDKPFQNVNRITYGACPRYVKQNTLKLATGM
RNVPEKQTQGIFGAIAGFIENGWEGMVDGWYGFRHQNSEGIGQAADLKSTQAAINQINGKLNRLIGKTNEKFHQIEKEFS
EVEGRIQDLEKYVEDTKIDLWSYNAELLVALENQHTIDLTDSEMNKLFERTKKQLRENAEDMGNGCFKIYHKCDNACIGS
IRNGTYDHDVYRDEALNNRFQIK
;
_entity_poly.pdbx_strand_id   A
#
# COMPACT_ATOMS: atom_id res chain seq x y z
N ASN A 8 2.07 64.04 10.40
CA ASN A 8 2.59 65.35 10.86
C ASN A 8 4.12 65.32 10.89
N SER A 9 4.72 65.32 9.69
CA SER A 9 6.18 65.28 9.52
C SER A 9 6.78 63.88 9.66
N THR A 10 5.96 62.88 9.97
CA THR A 10 6.43 61.51 10.04
C THR A 10 5.42 60.55 9.43
N ALA A 11 5.82 59.31 9.30
CA ALA A 11 4.94 58.27 8.86
C ALA A 11 5.25 57.00 9.65
N THR A 12 4.34 56.06 9.59
CA THR A 12 4.53 54.71 10.16
C THR A 12 4.44 53.68 9.08
N LEU A 13 5.36 52.71 9.12
CA LEU A 13 5.33 51.56 8.21
C LEU A 13 5.46 50.26 9.01
N CYS A 14 4.40 49.45 8.98
CA CYS A 14 4.34 48.15 9.68
C CYS A 14 4.48 46.97 8.73
N LEU A 15 5.25 45.98 9.15
CA LEU A 15 5.36 44.72 8.45
C LEU A 15 4.51 43.68 9.15
N GLY A 16 3.85 42.81 8.38
CA GLY A 16 2.91 41.88 8.95
C GLY A 16 2.72 40.64 8.11
N HIS A 17 1.91 39.74 8.63
CA HIS A 17 1.56 38.51 7.95
C HIS A 17 0.12 38.19 8.19
N HIS A 18 -0.47 37.41 7.29
CA HIS A 18 -1.90 37.08 7.36
C HIS A 18 -2.23 36.16 8.50
N ALA A 19 -3.51 36.05 8.76
CA ALA A 19 -4.06 35.16 9.75
C ALA A 19 -5.46 34.81 9.29
N VAL A 20 -5.98 33.68 9.73
CA VAL A 20 -7.29 33.20 9.27
C VAL A 20 -8.15 32.90 10.49
N PRO A 21 -9.48 32.96 10.31
CA PRO A 21 -10.35 32.71 11.45
C PRO A 21 -10.47 31.23 11.82
N ASN A 22 -10.13 30.34 10.89
CA ASN A 22 -10.34 28.90 11.06
C ASN A 22 -9.02 28.10 10.89
N GLY A 23 -8.11 28.25 11.85
CA GLY A 23 -6.80 27.57 11.80
C GLY A 23 -6.91 26.09 12.11
N THR A 24 -5.81 25.35 11.95
CA THR A 24 -5.78 23.91 12.25
C THR A 24 -4.58 23.62 13.14
N ILE A 25 -4.74 22.66 14.05
CA ILE A 25 -3.72 22.32 15.00
C ILE A 25 -2.79 21.24 14.44
N VAL A 26 -1.48 21.47 14.53
CA VAL A 26 -0.47 20.48 14.16
C VAL A 26 0.55 20.29 15.28
N LYS A 27 1.37 19.25 15.12
CA LYS A 27 2.45 18.93 16.04
C LYS A 27 3.81 19.31 15.46
N THR A 28 4.65 19.95 16.25
CA THR A 28 6.03 20.19 15.82
C THR A 28 6.97 19.57 16.84
N ILE A 29 8.25 19.86 16.71
CA ILE A 29 9.22 19.44 17.69
C ILE A 29 9.07 20.33 18.93
N THR A 30 8.86 21.62 18.72
CA THR A 30 8.74 22.61 19.79
C THR A 30 7.42 22.53 20.55
N ASN A 31 6.33 22.20 19.86
CA ASN A 31 4.96 22.23 20.44
C ASN A 31 4.17 20.95 20.12
N ASP A 32 3.53 20.33 21.12
CA ASP A 32 2.54 19.28 20.88
C ASP A 32 1.36 19.76 20.04
N GLN A 33 0.93 20.99 20.25
CA GLN A 33 -0.19 21.60 19.55
C GLN A 33 0.14 23.04 19.19
N ILE A 34 0.18 23.36 17.91
CA ILE A 34 0.33 24.73 17.47
C ILE A 34 -0.62 24.96 16.33
N GLU A 35 -1.32 26.11 16.36
CA GLU A 35 -2.26 26.42 15.32
C GLU A 35 -1.57 27.08 14.12
N VAL A 36 -1.83 26.55 12.94
CA VAL A 36 -1.33 27.07 11.67
C VAL A 36 -2.50 27.44 10.77
N THR A 37 -2.23 28.18 9.71
CA THR A 37 -3.29 28.66 8.82
C THR A 37 -3.95 27.54 8.03
N ASN A 38 -3.20 26.46 7.78
CA ASN A 38 -3.72 25.38 6.98
C ASN A 38 -2.84 24.15 7.13
N ALA A 39 -3.44 22.99 6.89
CA ALA A 39 -2.71 21.73 6.98
C ALA A 39 -3.35 20.71 6.04
N THR A 40 -2.61 19.67 5.74
CA THR A 40 -3.14 18.60 4.92
C THR A 40 -2.91 17.25 5.59
N GLU A 41 -3.85 16.34 5.38
CA GLU A 41 -3.78 15.01 5.99
C GLU A 41 -2.84 14.07 5.25
N LEU A 42 -1.94 13.42 5.99
CA LEU A 42 -0.99 12.46 5.40
C LEU A 42 -1.32 10.97 5.59
N VAL A 43 -2.36 10.66 6.36
CA VAL A 43 -2.79 9.29 6.56
C VAL A 43 -4.14 9.06 5.86
N GLN A 44 -4.14 8.15 4.92
CA GLN A 44 -5.38 7.75 4.27
C GLN A 44 -6.17 6.82 5.19
N SER A 45 -7.39 7.19 5.54
CA SER A 45 -8.12 6.37 6.51
C SER A 45 -9.43 5.80 5.99
N SER A 46 -9.77 6.07 4.74
CA SER A 46 -10.99 5.51 4.19
C SER A 46 -10.72 4.79 2.89
N SER A 47 -11.59 3.82 2.58
CA SER A 47 -11.68 3.18 1.29
C SER A 47 -13.12 3.32 0.79
N THR A 48 -13.29 3.37 -0.53
CA THR A 48 -14.59 3.27 -1.23
C THR A 48 -15.35 2.00 -0.85
N GLY A 49 -14.61 0.94 -0.50
CA GLY A 49 -15.20 -0.33 -0.17
C GLY A 49 -15.20 -1.33 -1.32
N GLY A 50 -14.91 -0.86 -2.55
CA GLY A 50 -14.76 -1.76 -3.70
C GLY A 50 -13.33 -1.90 -4.20
N ILE A 51 -12.98 -3.11 -4.66
CA ILE A 51 -11.74 -3.36 -5.37
C ILE A 51 -11.89 -2.97 -6.86
N CYS A 52 -11.14 -1.97 -7.31
CA CYS A 52 -11.22 -1.53 -8.71
C CYS A 52 -10.56 -2.56 -9.64
N ASP A 53 -11.24 -2.90 -10.74
CA ASP A 53 -10.75 -3.91 -11.68
C ASP A 53 -9.62 -3.44 -12.60
N SER A 54 -9.28 -2.17 -12.50
CA SER A 54 -8.17 -1.58 -13.25
C SER A 54 -7.26 -0.85 -12.29
N PRO A 55 -5.94 -0.79 -12.60
CA PRO A 55 -5.22 -1.28 -13.76
C PRO A 55 -4.62 -2.69 -13.61
N HIS A 56 -4.76 -3.31 -12.43
CA HIS A 56 -4.27 -4.66 -12.21
C HIS A 56 -5.28 -5.67 -12.71
N GLN A 57 -4.78 -6.82 -13.19
CA GLN A 57 -5.67 -7.90 -13.59
C GLN A 57 -6.15 -8.67 -12.39
N ILE A 58 -7.44 -8.56 -12.12
CA ILE A 58 -8.07 -9.17 -10.96
C ILE A 58 -8.76 -10.46 -11.37
N LEU A 59 -8.55 -11.51 -10.60
CA LEU A 59 -9.31 -12.72 -10.78
C LEU A 59 -10.12 -12.94 -9.52
N ASP A 60 -11.44 -12.78 -9.62
CA ASP A 60 -12.34 -13.05 -8.49
C ASP A 60 -12.59 -14.53 -8.38
N GLY A 61 -12.14 -15.15 -7.29
CA GLY A 61 -12.30 -16.57 -7.08
C GLY A 61 -13.76 -17.02 -6.88
N GLU A 62 -14.65 -16.09 -6.52
CA GLU A 62 -16.04 -16.43 -6.25
C GLU A 62 -16.15 -17.56 -5.21
N ASN A 63 -16.73 -18.70 -5.58
CA ASN A 63 -16.81 -19.83 -4.64
C ASN A 63 -15.55 -20.71 -4.58
N CYS A 64 -14.53 -20.37 -5.37
CA CYS A 64 -13.32 -21.18 -5.47
C CYS A 64 -12.11 -20.58 -4.77
N THR A 65 -11.40 -21.40 -4.01
CA THR A 65 -10.05 -21.09 -3.62
C THR A 65 -9.11 -21.28 -4.81
N LEU A 66 -7.92 -20.73 -4.70
CA LEU A 66 -6.92 -20.92 -5.75
C LEU A 66 -6.61 -22.40 -5.92
N ILE A 67 -6.41 -23.08 -4.79
CA ILE A 67 -6.03 -24.50 -4.82
C ILE A 67 -7.16 -25.31 -5.48
N ASP A 68 -8.42 -25.00 -5.19
CA ASP A 68 -9.53 -25.68 -5.89
C ASP A 68 -9.54 -25.41 -7.40
N ALA A 69 -9.22 -24.19 -7.80
CA ALA A 69 -9.11 -23.87 -9.23
C ALA A 69 -7.92 -24.57 -9.88
N LEU A 70 -6.82 -24.70 -9.14
CA LEU A 70 -5.65 -25.48 -9.56
C LEU A 70 -6.00 -26.96 -9.85
N LEU A 71 -6.57 -27.62 -8.84
CA LEU A 71 -6.86 -29.06 -8.94
C LEU A 71 -7.94 -29.31 -9.99
N GLY A 72 -8.87 -28.35 -10.10
CA GLY A 72 -9.94 -28.43 -11.10
C GLY A 72 -11.25 -28.99 -10.54
N ASP A 73 -11.66 -28.48 -9.37
CA ASP A 73 -13.00 -28.69 -8.81
C ASP A 73 -14.01 -28.24 -9.88
N PRO A 74 -15.08 -29.01 -10.11
CA PRO A 74 -16.00 -28.68 -11.22
C PRO A 74 -16.57 -27.25 -11.25
N GLN A 75 -16.90 -26.67 -10.09
CA GLN A 75 -17.38 -25.28 -10.04
C GLN A 75 -16.32 -24.28 -10.49
N CYS A 76 -15.05 -24.70 -10.56
CA CYS A 76 -13.96 -23.82 -11.01
C CYS A 76 -13.53 -24.06 -12.46
N ASP A 77 -14.33 -24.78 -13.24
CA ASP A 77 -13.91 -25.10 -14.62
C ASP A 77 -13.67 -23.84 -15.47
N GLY A 78 -14.41 -22.79 -15.15
CA GLY A 78 -14.31 -21.52 -15.84
C GLY A 78 -12.97 -20.80 -15.63
N PHE A 79 -12.21 -21.23 -14.63
CA PHE A 79 -10.89 -20.65 -14.34
C PHE A 79 -9.74 -21.23 -15.17
N GLN A 80 -10.00 -22.28 -15.96
CA GLN A 80 -8.91 -22.97 -16.64
C GLN A 80 -8.01 -22.01 -17.38
N ASN A 81 -6.71 -22.15 -17.16
CA ASN A 81 -5.67 -21.41 -17.90
C ASN A 81 -5.62 -19.90 -17.72
N LYS A 82 -6.39 -19.36 -16.78
CA LYS A 82 -6.42 -17.91 -16.55
C LYS A 82 -5.17 -17.44 -15.83
N LYS A 83 -4.88 -16.15 -15.99
CA LYS A 83 -3.78 -15.47 -15.32
C LYS A 83 -4.34 -14.32 -14.47
N TRP A 84 -3.51 -13.79 -13.58
CA TRP A 84 -3.92 -12.67 -12.73
C TRP A 84 -2.72 -11.93 -12.26
N ASP A 85 -2.95 -10.67 -11.93
CA ASP A 85 -2.04 -9.95 -11.03
C ASP A 85 -2.46 -10.22 -9.59
N LEU A 86 -3.76 -10.18 -9.32
CA LEU A 86 -4.28 -10.45 -7.97
C LEU A 86 -5.45 -11.39 -8.02
N PHE A 87 -5.27 -12.54 -7.38
CA PHE A 87 -6.34 -13.51 -7.17
C PHE A 87 -7.05 -13.16 -5.87
N VAL A 88 -8.37 -12.99 -5.94
CA VAL A 88 -9.13 -12.56 -4.76
C VAL A 88 -9.97 -13.73 -4.26
N GLU A 89 -9.64 -14.23 -3.06
CA GLU A 89 -10.35 -15.36 -2.44
C GLU A 89 -11.38 -14.85 -1.45
N ARG A 90 -12.60 -15.39 -1.57
CA ARG A 90 -13.74 -14.94 -0.79
C ARG A 90 -13.96 -15.84 0.41
N SER A 91 -14.49 -15.29 1.50
CA SER A 91 -14.71 -16.09 2.71
C SER A 91 -15.79 -17.16 2.48
N LYS A 92 -16.69 -16.92 1.52
CA LYS A 92 -17.77 -17.86 1.19
C LYS A 92 -17.30 -19.09 0.44
N ALA A 93 -16.06 -19.07 -0.05
CA ALA A 93 -15.54 -20.16 -0.88
C ALA A 93 -15.66 -21.51 -0.17
N TYR A 94 -15.93 -22.56 -0.94
CA TYR A 94 -16.08 -23.91 -0.39
C TYR A 94 -15.70 -24.95 -1.43
N SER A 95 -15.19 -26.08 -0.96
CA SER A 95 -14.81 -27.18 -1.84
C SER A 95 -15.99 -28.09 -2.08
N ASN A 96 -16.11 -28.61 -3.30
CA ASN A 96 -17.26 -29.43 -3.67
C ASN A 96 -16.86 -30.61 -4.56
N CYS A 97 -15.78 -31.29 -4.18
CA CYS A 97 -15.25 -32.42 -4.93
C CYS A 97 -14.75 -33.44 -3.89
N TYR A 98 -13.81 -34.31 -4.26
CA TYR A 98 -13.32 -35.32 -3.31
C TYR A 98 -12.60 -34.65 -2.15
N PRO A 99 -12.90 -35.07 -0.91
CA PRO A 99 -12.21 -34.45 0.22
C PRO A 99 -10.69 -34.65 0.15
N TYR A 100 -9.94 -33.56 0.33
CA TYR A 100 -8.49 -33.62 0.25
C TYR A 100 -7.83 -32.73 1.29
N ASP A 101 -6.54 -32.95 1.49
CA ASP A 101 -5.70 -32.02 2.19
C ASP A 101 -4.39 -31.86 1.42
N VAL A 102 -3.67 -30.81 1.76
CA VAL A 102 -2.38 -30.52 1.16
C VAL A 102 -1.43 -30.29 2.31
N PRO A 103 -0.54 -31.25 2.56
CA PRO A 103 0.52 -30.91 3.51
C PRO A 103 1.24 -29.62 3.02
N ASP A 104 1.48 -28.67 3.89
CA ASP A 104 2.02 -27.36 3.45
C ASP A 104 1.18 -26.71 2.33
N TYR A 105 -0.13 -26.75 2.52
CA TYR A 105 -1.10 -26.00 1.76
C TYR A 105 -0.64 -24.57 1.54
N ALA A 106 -0.19 -23.89 2.61
CA ALA A 106 0.16 -22.46 2.51
C ALA A 106 1.28 -22.22 1.53
N SER A 107 2.26 -23.12 1.48
CA SER A 107 3.34 -22.97 0.47
C SER A 107 2.87 -23.17 -0.95
N LEU A 108 2.01 -24.13 -1.21
CA LEU A 108 1.55 -24.36 -2.57
C LEU A 108 0.66 -23.21 -3.04
N ARG A 109 -0.21 -22.75 -2.15
CA ARG A 109 -1.03 -21.56 -2.42
C ARG A 109 -0.14 -20.36 -2.78
N SER A 110 0.90 -20.13 -1.99
CA SER A 110 1.78 -18.99 -2.21
C SER A 110 2.54 -19.09 -3.52
N LEU A 111 3.09 -20.27 -3.81
CA LEU A 111 3.91 -20.35 -5.01
C LEU A 111 3.07 -20.26 -6.27
N VAL A 112 1.84 -20.77 -6.24
CA VAL A 112 0.93 -20.65 -7.40
C VAL A 112 0.44 -19.20 -7.52
N ALA A 113 0.14 -18.58 -6.38
CA ALA A 113 -0.30 -17.20 -6.34
C ALA A 113 0.74 -16.28 -6.96
N SER A 114 1.99 -16.50 -6.57
CA SER A 114 3.11 -15.69 -7.00
C SER A 114 3.43 -15.90 -8.48
N SER A 115 3.26 -17.13 -8.95
CA SER A 115 3.41 -17.47 -10.37
C SER A 115 2.38 -16.75 -11.27
N GLY A 116 1.13 -16.69 -10.83
CA GLY A 116 0.13 -15.83 -11.47
C GLY A 116 -0.56 -16.44 -12.68
N THR A 117 -0.52 -17.76 -12.78
CA THR A 117 -1.08 -18.44 -13.96
C THR A 117 -1.56 -19.82 -13.63
N LEU A 118 -2.68 -20.20 -14.24
CA LEU A 118 -3.15 -21.56 -14.17
C LEU A 118 -2.91 -22.28 -15.51
N GLU A 119 -2.09 -21.74 -16.41
CA GLU A 119 -1.84 -22.41 -17.70
C GLU A 119 -1.37 -23.84 -17.46
N PHE A 120 -2.04 -24.79 -18.13
CA PHE A 120 -1.81 -26.21 -17.92
C PHE A 120 -1.62 -26.86 -19.29
N ASN A 121 -0.59 -27.70 -19.43
CA ASN A 121 -0.33 -28.42 -20.69
C ASN A 121 -0.50 -29.90 -20.42
N ASN A 122 -1.44 -30.51 -21.13
CA ASN A 122 -1.66 -31.96 -21.03
C ASN A 122 -0.47 -32.75 -21.54
N GLU A 123 -0.18 -33.87 -20.89
CA GLU A 123 0.86 -34.78 -21.35
C GLU A 123 0.33 -36.22 -21.42
N SER A 124 0.90 -36.98 -22.34
CA SER A 124 0.48 -38.36 -22.60
C SER A 124 1.34 -39.30 -21.78
N PHE A 125 0.86 -39.63 -20.58
CA PHE A 125 1.58 -40.55 -19.72
C PHE A 125 1.23 -41.95 -20.20
N ASN A 126 2.15 -42.89 -20.01
CA ASN A 126 1.87 -44.26 -20.37
C ASN A 126 1.26 -45.03 -19.19
N TRP A 127 -0.08 -44.99 -19.09
CA TRP A 127 -0.80 -45.74 -18.05
C TRP A 127 -1.31 -47.05 -18.57
N THR A 128 -0.42 -47.83 -19.15
CA THR A 128 -0.79 -49.15 -19.65
C THR A 128 -0.92 -50.12 -18.47
N GLY A 129 -2.05 -50.83 -18.39
CA GLY A 129 -2.24 -51.89 -17.42
C GLY A 129 -3.18 -51.54 -16.28
N VAL A 130 -3.67 -50.30 -16.27
CA VAL A 130 -4.61 -49.84 -15.24
C VAL A 130 -5.83 -49.17 -15.87
N THR A 131 -6.88 -48.99 -15.07
CA THR A 131 -8.06 -48.25 -15.50
C THR A 131 -7.85 -46.77 -15.15
N GLN A 132 -8.20 -45.87 -16.07
CA GLN A 132 -8.07 -44.42 -15.87
C GLN A 132 -9.42 -43.76 -15.57
N ASN A 133 -9.36 -42.48 -15.22
CA ASN A 133 -10.55 -41.62 -15.08
C ASN A 133 -11.57 -42.06 -14.04
N GLY A 134 -11.11 -42.57 -12.91
CA GLY A 134 -12.03 -42.85 -11.80
C GLY A 134 -12.80 -41.60 -11.43
N THR A 135 -14.07 -41.78 -11.04
CA THR A 135 -14.92 -40.66 -10.61
C THR A 135 -15.59 -40.94 -9.27
N SER A 136 -16.33 -39.94 -8.77
CA SER A 136 -17.02 -40.03 -7.48
C SER A 136 -18.27 -39.15 -7.45
N SER A 137 -19.25 -39.56 -6.65
CA SER A 137 -20.49 -38.80 -6.44
C SER A 137 -20.24 -37.57 -5.57
N ALA A 138 -19.10 -37.55 -4.89
CA ALA A 138 -18.66 -36.39 -4.10
C ALA A 138 -18.14 -35.24 -4.99
N CYS A 139 -17.98 -35.52 -6.29
CA CYS A 139 -17.42 -34.54 -7.21
C CYS A 139 -18.18 -34.56 -8.50
N LYS A 140 -19.41 -34.03 -8.47
CA LYS A 140 -20.26 -34.05 -9.66
C LYS A 140 -19.92 -32.91 -10.64
N ARG A 141 -19.95 -33.24 -11.92
CA ARG A 141 -19.78 -32.29 -13.01
C ARG A 141 -20.93 -32.51 -14.01
N ARG A 142 -21.76 -31.48 -14.20
CA ARG A 142 -22.93 -31.58 -15.09
C ARG A 142 -23.80 -32.77 -14.69
N SER A 143 -24.14 -32.82 -13.39
CA SER A 143 -24.96 -33.89 -12.79
C SER A 143 -24.33 -35.30 -12.74
N ASN A 144 -23.23 -35.52 -13.46
CA ASN A 144 -22.59 -36.83 -13.52
C ASN A 144 -21.49 -36.96 -12.48
N ASN A 145 -21.24 -38.19 -12.03
CA ASN A 145 -20.10 -38.48 -11.17
C ASN A 145 -18.82 -38.05 -11.91
N SER A 146 -17.93 -37.31 -11.23
CA SER A 146 -16.71 -36.84 -11.90
C SER A 146 -15.53 -36.77 -10.94
N PHE A 147 -14.53 -35.95 -11.30
CA PHE A 147 -13.32 -35.84 -10.50
C PHE A 147 -12.61 -34.53 -10.85
N PHE A 148 -11.60 -34.18 -10.06
CA PHE A 148 -10.71 -33.06 -10.40
C PHE A 148 -10.25 -33.13 -11.85
N SER A 149 -10.44 -32.02 -12.58
CA SER A 149 -10.11 -31.99 -14.00
C SER A 149 -8.65 -32.30 -14.31
N ARG A 150 -7.74 -31.91 -13.42
CA ARG A 150 -6.31 -32.03 -13.72
C ARG A 150 -5.66 -33.29 -13.14
N LEU A 151 -6.46 -34.12 -12.46
CA LEU A 151 -5.96 -35.34 -11.86
C LEU A 151 -6.63 -36.57 -12.48
N ASN A 152 -5.96 -37.70 -12.37
CA ASN A 152 -6.39 -38.96 -13.05
C ASN A 152 -6.38 -40.07 -12.01
N TRP A 153 -7.57 -40.47 -11.56
CA TRP A 153 -7.71 -41.54 -10.57
C TRP A 153 -7.55 -42.87 -11.26
N LEU A 154 -6.40 -43.52 -11.07
CA LEU A 154 -6.12 -44.84 -11.66
C LEU A 154 -6.55 -45.96 -10.71
N THR A 155 -7.10 -47.02 -11.28
CA THR A 155 -7.57 -48.16 -10.49
C THR A 155 -7.20 -49.44 -11.25
N HIS A 156 -7.41 -50.59 -10.63
CA HIS A 156 -7.02 -51.86 -11.24
C HIS A 156 -7.72 -52.08 -12.54
N LEU A 157 -7.10 -52.91 -13.39
CA LEU A 157 -7.68 -53.36 -14.65
C LEU A 157 -7.77 -54.89 -14.60
N LYS A 158 -8.99 -55.42 -14.67
CA LYS A 158 -9.24 -56.87 -14.57
C LYS A 158 -8.57 -57.45 -13.32
N PHE A 159 -8.78 -56.78 -12.18
CA PHE A 159 -8.20 -57.15 -10.89
C PHE A 159 -6.67 -57.26 -10.83
N LYS A 160 -5.99 -56.60 -11.77
CA LYS A 160 -4.54 -56.43 -11.71
C LYS A 160 -4.17 -54.93 -11.65
N TYR A 161 -3.13 -54.62 -10.89
CA TYR A 161 -2.52 -53.29 -10.88
C TYR A 161 -1.00 -53.50 -10.98
N PRO A 162 -0.47 -53.54 -12.22
CA PRO A 162 0.96 -53.75 -12.38
C PRO A 162 1.76 -52.54 -11.90
N ALA A 163 2.97 -52.78 -11.41
CA ALA A 163 3.84 -51.72 -10.92
C ALA A 163 4.01 -50.65 -12.00
N LEU A 164 3.66 -49.42 -11.66
CA LEU A 164 3.90 -48.31 -12.56
C LEU A 164 5.33 -47.83 -12.36
N ASN A 165 6.01 -47.57 -13.47
CA ASN A 165 7.34 -47.02 -13.44
C ASN A 165 7.47 -46.15 -14.69
N VAL A 166 6.87 -44.95 -14.60
CA VAL A 166 6.61 -44.10 -15.76
C VAL A 166 7.45 -42.85 -15.72
N THR A 167 7.90 -42.41 -16.89
CA THR A 167 8.85 -41.33 -17.02
C THR A 167 8.29 -40.18 -17.87
N MET A 168 8.63 -38.94 -17.54
CA MET A 168 8.27 -37.80 -18.38
C MET A 168 9.41 -36.79 -18.38
N PRO A 169 10.17 -36.71 -19.50
CA PRO A 169 11.28 -35.77 -19.57
C PRO A 169 10.79 -34.35 -19.76
N ASN A 170 11.51 -33.39 -19.19
CA ASN A 170 11.31 -31.99 -19.51
C ASN A 170 12.33 -31.56 -20.57
N ASN A 171 11.90 -31.58 -21.83
CA ASN A 171 12.72 -31.09 -22.95
C ASN A 171 12.36 -29.67 -23.34
N GLU A 172 11.75 -28.93 -22.41
CA GLU A 172 11.38 -27.54 -22.64
C GLU A 172 12.47 -26.67 -22.05
N LYS A 173 12.38 -25.37 -22.33
CA LYS A 173 13.30 -24.39 -21.77
C LYS A 173 12.74 -23.72 -20.51
N PHE A 174 11.60 -24.19 -20.02
CA PHE A 174 10.99 -23.67 -18.78
C PHE A 174 10.70 -24.80 -17.78
N ASP A 175 10.49 -24.43 -16.51
CA ASP A 175 10.18 -25.39 -15.44
C ASP A 175 8.75 -25.86 -15.55
N LYS A 176 8.51 -27.10 -15.12
CA LYS A 176 7.18 -27.67 -15.10
C LYS A 176 6.77 -27.92 -13.66
N LEU A 177 5.55 -27.55 -13.31
CA LEU A 177 5.01 -27.85 -11.99
C LEU A 177 4.01 -28.96 -12.11
N TYR A 178 4.29 -30.10 -11.45
CA TYR A 178 3.37 -31.23 -11.43
C TYR A 178 2.64 -31.34 -10.10
N ILE A 179 1.31 -31.49 -10.17
CA ILE A 179 0.43 -31.69 -9.01
C ILE A 179 -0.11 -33.10 -9.06
N TRP A 180 0.06 -33.83 -7.96
CA TRP A 180 -0.35 -35.22 -7.92
C TRP A 180 -0.81 -35.55 -6.54
N GLY A 181 -1.26 -36.78 -6.34
CA GLY A 181 -1.81 -37.10 -5.03
C GLY A 181 -1.79 -38.56 -4.66
N VAL A 182 -2.15 -38.84 -3.41
CA VAL A 182 -2.26 -40.20 -2.89
C VAL A 182 -3.63 -40.38 -2.28
N HIS A 183 -4.29 -41.48 -2.64
CA HIS A 183 -5.61 -41.81 -2.12
C HIS A 183 -5.47 -42.66 -0.89
N HIS A 184 -6.09 -42.20 0.20
CA HIS A 184 -6.12 -42.91 1.47
C HIS A 184 -7.49 -43.53 1.65
N PRO A 185 -7.63 -44.83 1.36
CA PRO A 185 -8.99 -45.40 1.45
C PRO A 185 -9.52 -45.54 2.87
N GLY A 186 -10.84 -45.49 3.00
CA GLY A 186 -11.50 -45.58 4.30
C GLY A 186 -11.35 -46.94 4.98
N THR A 187 -11.40 -48.00 4.18
CA THR A 187 -11.32 -49.39 4.69
C THR A 187 -10.46 -50.30 3.80
N ASP A 188 -10.03 -51.44 4.37
CA ASP A 188 -9.29 -52.47 3.62
C ASP A 188 -10.09 -52.98 2.41
N ASN A 189 -11.42 -53.06 2.56
CA ASN A 189 -12.30 -53.43 1.46
C ASN A 189 -12.16 -52.49 0.26
N ASP A 190 -12.11 -51.18 0.52
CA ASP A 190 -11.99 -50.17 -0.53
C ASP A 190 -10.64 -50.29 -1.24
N GLN A 191 -9.59 -50.59 -0.47
CA GLN A 191 -8.24 -50.74 -1.03
C GLN A 191 -8.21 -51.85 -2.05
N ILE A 192 -8.83 -52.98 -1.71
CA ILE A 192 -8.86 -54.14 -2.61
C ILE A 192 -9.81 -53.87 -3.78
N SER A 193 -11.00 -53.38 -3.49
CA SER A 193 -11.95 -53.00 -4.54
C SER A 193 -11.29 -52.08 -5.59
N LEU A 194 -10.48 -51.11 -5.12
CA LEU A 194 -9.89 -50.13 -6.02
C LEU A 194 -8.59 -50.55 -6.72
N TYR A 195 -7.65 -51.14 -5.97
CA TYR A 195 -6.27 -51.37 -6.47
C TYR A 195 -5.86 -52.86 -6.53
N ALA A 196 -6.74 -53.74 -6.04
CA ALA A 196 -6.57 -55.19 -6.14
C ALA A 196 -5.43 -55.76 -5.27
N GLN A 197 -4.87 -54.95 -4.37
CA GLN A 197 -3.80 -55.43 -3.49
C GLN A 197 -3.59 -54.51 -2.29
N ALA A 198 -2.80 -54.98 -1.33
CA ALA A 198 -2.49 -54.20 -0.12
C ALA A 198 -1.72 -52.92 -0.49
N SER A 199 -1.88 -51.88 0.33
CA SER A 199 -1.35 -50.56 0.00
C SER A 199 0.17 -50.54 0.06
N GLY A 200 0.77 -49.82 -0.88
CA GLY A 200 2.21 -49.69 -0.98
C GLY A 200 2.60 -48.28 -1.40
N ARG A 201 3.77 -47.85 -0.95
CA ARG A 201 4.19 -46.46 -1.10
C ARG A 201 4.23 -45.97 -2.55
N ILE A 202 4.17 -44.65 -2.71
CA ILE A 202 4.33 -44.00 -4.02
C ILE A 202 5.62 -43.19 -3.98
N THR A 203 6.45 -43.31 -5.01
CA THR A 203 7.69 -42.54 -5.07
C THR A 203 7.73 -41.75 -6.35
N VAL A 204 7.91 -40.44 -6.20
CA VAL A 204 7.99 -39.52 -7.32
C VAL A 204 9.32 -38.79 -7.22
N SER A 205 10.12 -38.90 -8.27
CA SER A 205 11.48 -38.42 -8.23
C SER A 205 11.93 -37.71 -9.49
N THR A 206 13.04 -37.01 -9.33
CA THR A 206 13.79 -36.40 -10.41
C THR A 206 15.25 -36.75 -10.17
N LYS A 207 16.13 -36.25 -11.03
CA LYS A 207 17.57 -36.38 -10.81
C LYS A 207 18.02 -35.71 -9.51
N ARG A 208 17.35 -34.64 -9.10
CA ARG A 208 17.77 -33.83 -7.95
C ARG A 208 16.94 -34.02 -6.68
N SER A 209 15.76 -34.63 -6.78
CA SER A 209 14.87 -34.72 -5.62
C SER A 209 14.00 -35.96 -5.64
N GLN A 210 13.44 -36.29 -4.48
CA GLN A 210 12.58 -37.46 -4.35
C GLN A 210 11.54 -37.25 -3.25
N GLN A 211 10.36 -37.80 -3.45
CA GLN A 211 9.32 -37.80 -2.43
C GLN A 211 8.65 -39.15 -2.40
N THR A 212 8.64 -39.79 -1.24
CA THR A 212 7.91 -41.03 -1.06
C THR A 212 6.74 -40.78 -0.12
N VAL A 213 5.57 -41.28 -0.48
CA VAL A 213 4.37 -41.14 0.33
C VAL A 213 3.68 -42.49 0.52
N ILE A 214 3.30 -42.77 1.76
CA ILE A 214 2.66 -44.02 2.15
C ILE A 214 1.16 -43.82 2.32
N PRO A 215 0.35 -44.54 1.54
CA PRO A 215 -1.10 -44.49 1.75
C PRO A 215 -1.46 -45.09 3.10
N ASN A 216 -2.42 -44.48 3.81
CA ASN A 216 -2.79 -44.87 5.16
C ASN A 216 -4.28 -45.14 5.19
N ILE A 217 -4.63 -46.41 5.28
CA ILE A 217 -6.02 -46.83 5.25
C ILE A 217 -6.66 -46.53 6.58
N GLY A 218 -7.91 -46.06 6.56
CA GLY A 218 -8.57 -45.69 7.80
C GLY A 218 -9.76 -44.79 7.60
N SER A 219 -10.67 -44.84 8.56
CA SER A 219 -11.83 -43.98 8.57
C SER A 219 -11.42 -42.56 8.99
N ARG A 220 -11.85 -41.58 8.20
CA ARG A 220 -11.88 -40.18 8.63
C ARG A 220 -13.35 -39.77 8.66
N PRO A 221 -13.69 -38.72 9.41
CA PRO A 221 -15.08 -38.25 9.42
C PRO A 221 -15.59 -38.01 8.01
N ARG A 222 -16.81 -38.45 7.73
CA ARG A 222 -17.31 -38.36 6.37
C ARG A 222 -17.52 -36.91 5.94
N VAL A 223 -17.07 -36.63 4.72
CA VAL A 223 -17.32 -35.36 4.05
C VAL A 223 -17.94 -35.73 2.71
N ARG A 224 -19.14 -35.22 2.42
CA ARG A 224 -19.91 -35.64 1.24
C ARG A 224 -19.97 -37.17 1.13
N ASP A 225 -20.18 -37.79 2.30
CA ASP A 225 -20.28 -39.24 2.47
C ASP A 225 -18.99 -40.01 2.16
N ILE A 226 -17.84 -39.33 2.24
CA ILE A 226 -16.57 -39.97 1.92
C ILE A 226 -15.71 -40.00 3.17
N PRO A 227 -15.36 -41.21 3.64
CA PRO A 227 -14.44 -41.35 4.77
C PRO A 227 -13.00 -41.55 4.31
N SER A 228 -12.79 -41.59 3.00
CA SER A 228 -11.44 -41.60 2.42
C SER A 228 -10.93 -40.17 2.30
N ARG A 229 -9.64 -40.02 2.00
CA ARG A 229 -9.04 -38.72 1.71
C ARG A 229 -8.05 -38.84 0.56
N ILE A 230 -7.80 -37.72 -0.12
CA ILE A 230 -6.67 -37.59 -1.03
C ILE A 230 -5.69 -36.58 -0.41
N SER A 231 -4.40 -36.90 -0.41
CA SER A 231 -3.37 -35.97 0.03
C SER A 231 -2.62 -35.48 -1.23
N ILE A 232 -2.47 -34.16 -1.34
CA ILE A 232 -1.92 -33.55 -2.55
C ILE A 232 -0.45 -33.15 -2.40
N TYR A 233 0.34 -33.44 -3.42
CA TYR A 233 1.76 -33.15 -3.41
C TYR A 233 2.14 -32.47 -4.70
N TRP A 234 3.35 -31.92 -4.75
CA TRP A 234 3.83 -31.28 -5.98
C TRP A 234 5.29 -31.46 -6.22
N THR A 235 5.67 -31.40 -7.48
CA THR A 235 7.05 -31.53 -7.85
C THR A 235 7.35 -30.57 -8.98
N ILE A 236 8.48 -29.88 -8.89
CA ILE A 236 8.91 -29.01 -9.97
C ILE A 236 10.05 -29.69 -10.71
N VAL A 237 9.95 -29.72 -12.03
CA VAL A 237 10.96 -30.38 -12.86
C VAL A 237 11.68 -29.36 -13.76
N LYS A 238 12.99 -29.25 -13.59
CA LYS A 238 13.81 -28.33 -14.38
C LYS A 238 14.04 -28.84 -15.80
N PRO A 239 14.37 -27.92 -16.74
CA PRO A 239 14.80 -28.31 -18.10
C PRO A 239 15.94 -29.30 -18.04
N GLY A 240 15.88 -30.34 -18.84
CA GLY A 240 16.92 -31.37 -18.85
C GLY A 240 16.77 -32.42 -17.78
N ASP A 241 15.89 -32.20 -16.81
CA ASP A 241 15.57 -33.21 -15.80
C ASP A 241 14.36 -34.03 -16.27
N ILE A 242 13.99 -35.04 -15.47
CA ILE A 242 12.94 -36.00 -15.83
C ILE A 242 12.09 -36.37 -14.62
N LEU A 243 10.78 -36.43 -14.81
CA LEU A 243 9.90 -36.93 -13.76
C LEU A 243 9.79 -38.45 -13.84
N LEU A 244 10.00 -39.12 -12.70
CA LEU A 244 9.78 -40.58 -12.58
C LEU A 244 8.73 -40.87 -11.49
N ILE A 245 7.65 -41.52 -11.91
CA ILE A 245 6.55 -41.94 -11.04
C ILE A 245 6.55 -43.46 -10.88
N ASN A 246 6.62 -43.92 -9.63
CA ASN A 246 6.86 -45.32 -9.29
C ASN A 246 5.84 -45.70 -8.20
N SER A 247 4.86 -46.53 -8.55
CA SER A 247 3.71 -46.84 -7.68
C SER A 247 3.07 -48.21 -7.94
N THR A 248 2.51 -48.78 -6.87
CA THR A 248 1.81 -50.06 -6.92
C THR A 248 0.33 -49.93 -6.55
N GLY A 249 -0.17 -48.69 -6.50
CA GLY A 249 -1.57 -48.42 -6.19
C GLY A 249 -1.73 -47.08 -5.47
N ASN A 250 -2.96 -46.58 -5.41
CA ASN A 250 -3.31 -45.37 -4.65
C ASN A 250 -2.80 -44.07 -5.25
N LEU A 251 -2.31 -44.12 -6.48
CA LEU A 251 -1.82 -42.95 -7.18
C LEU A 251 -2.97 -42.14 -7.79
N ILE A 252 -3.02 -40.85 -7.46
CA ILE A 252 -3.86 -39.90 -8.16
C ILE A 252 -2.88 -39.16 -9.06
N ALA A 253 -2.90 -39.50 -10.34
CA ALA A 253 -1.84 -39.13 -11.25
C ALA A 253 -2.08 -37.76 -11.88
N PRO A 254 -0.99 -37.07 -12.27
CA PRO A 254 -1.10 -35.82 -13.01
C PRO A 254 -1.52 -36.08 -14.45
N ARG A 255 -2.25 -35.15 -15.05
CA ARG A 255 -2.60 -35.25 -16.47
C ARG A 255 -1.68 -34.39 -17.34
N GLY A 256 -0.65 -33.80 -16.71
CA GLY A 256 0.20 -32.82 -17.38
C GLY A 256 0.82 -31.88 -16.35
N TYR A 257 1.26 -30.72 -16.79
CA TYR A 257 1.97 -29.79 -15.91
C TYR A 257 1.43 -28.37 -16.00
N PHE A 258 1.64 -27.62 -14.93
CA PHE A 258 1.36 -26.20 -14.94
C PHE A 258 2.63 -25.48 -15.29
N LYS A 259 2.49 -24.39 -16.05
CA LYS A 259 3.58 -23.48 -16.26
C LYS A 259 3.79 -22.83 -14.90
N ILE A 260 5.04 -22.52 -14.59
CA ILE A 260 5.33 -21.73 -13.42
C ILE A 260 6.12 -20.53 -13.93
N ARG A 261 5.62 -19.32 -13.62
CA ARG A 261 6.21 -18.07 -14.10
C ARG A 261 6.73 -17.29 -12.90
N SER A 262 7.58 -16.30 -13.16
CA SER A 262 7.98 -15.36 -12.12
C SER A 262 7.46 -13.99 -12.48
N GLY A 263 6.94 -13.27 -11.50
CA GLY A 263 6.48 -11.91 -11.74
C GLY A 263 5.86 -11.35 -10.48
N LYS A 264 4.93 -10.42 -10.67
CA LYS A 264 4.45 -9.58 -9.58
C LYS A 264 3.09 -10.03 -9.06
N SER A 265 2.69 -11.26 -9.34
CA SER A 265 1.34 -11.71 -8.97
C SER A 265 1.23 -12.06 -7.49
N SER A 266 -0.01 -12.01 -6.96
CA SER A 266 -0.26 -12.39 -5.59
C SER A 266 -1.71 -12.80 -5.40
N ILE A 267 -2.08 -12.99 -4.12
CA ILE A 267 -3.40 -13.45 -3.72
C ILE A 267 -3.81 -12.68 -2.48
N MET A 268 -5.11 -12.36 -2.36
CA MET A 268 -5.61 -11.60 -1.23
C MET A 268 -6.95 -12.17 -0.77
N ARG A 269 -7.18 -12.22 0.52
CA ARG A 269 -8.50 -12.58 1.04
C ARG A 269 -9.30 -11.29 1.22
N SER A 270 -10.47 -11.25 0.62
CA SER A 270 -11.33 -10.10 0.71
C SER A 270 -12.75 -10.47 0.34
N ASP A 271 -13.68 -9.77 0.97
CA ASP A 271 -15.08 -9.85 0.55
C ASP A 271 -15.57 -8.60 -0.15
N ALA A 272 -14.66 -7.67 -0.46
CA ALA A 272 -15.04 -6.44 -1.13
C ALA A 272 -15.51 -6.73 -2.55
N PRO A 273 -16.60 -6.05 -3.00
CA PRO A 273 -17.04 -6.26 -4.39
C PRO A 273 -16.05 -5.68 -5.39
N ILE A 274 -15.98 -6.25 -6.58
CA ILE A 274 -15.09 -5.74 -7.60
C ILE A 274 -15.85 -4.72 -8.44
N GLY A 275 -15.28 -3.54 -8.61
CA GLY A 275 -15.96 -2.45 -9.31
C GLY A 275 -15.27 -2.11 -10.62
N LYS A 276 -16.00 -1.42 -11.48
CA LYS A 276 -15.45 -0.93 -12.75
C LYS A 276 -14.90 0.46 -12.52
N CYS A 277 -13.66 0.51 -12.07
CA CYS A 277 -13.00 1.77 -11.70
C CYS A 277 -11.50 1.52 -11.76
N ASN A 278 -10.71 2.56 -11.56
CA ASN A 278 -9.27 2.47 -11.71
C ASN A 278 -8.57 2.96 -10.44
N SER A 279 -7.78 2.11 -9.80
CA SER A 279 -7.01 2.51 -8.62
C SER A 279 -5.78 1.63 -8.47
N GLU A 280 -4.63 2.25 -8.23
CA GLU A 280 -3.36 1.51 -8.14
C GLU A 280 -3.22 0.64 -6.89
N CYS A 281 -3.80 1.07 -5.78
CA CYS A 281 -3.63 0.39 -4.48
C CYS A 281 -4.85 -0.41 -4.05
N ILE A 282 -4.65 -1.70 -3.81
CA ILE A 282 -5.72 -2.59 -3.38
C ILE A 282 -5.47 -3.04 -1.93
N THR A 283 -6.51 -2.99 -1.10
CA THR A 283 -6.51 -3.55 0.25
C THR A 283 -7.74 -4.47 0.34
N PRO A 284 -7.78 -5.34 1.37
CA PRO A 284 -8.98 -6.16 1.57
C PRO A 284 -10.27 -5.39 1.81
N ASN A 285 -10.16 -4.15 2.25
CA ASN A 285 -11.31 -3.28 2.47
C ASN A 285 -11.77 -2.61 1.19
N GLY A 286 -11.04 -2.80 0.09
CA GLY A 286 -11.23 -2.04 -1.11
C GLY A 286 -10.00 -1.28 -1.55
N SER A 287 -10.07 -0.72 -2.74
CA SER A 287 -8.99 0.10 -3.24
C SER A 287 -8.97 1.41 -2.45
N ILE A 288 -7.78 1.98 -2.33
CA ILE A 288 -7.62 3.27 -1.71
C ILE A 288 -6.81 4.20 -2.58
N PRO A 289 -7.13 5.49 -2.50
CA PRO A 289 -6.28 6.46 -3.16
C PRO A 289 -4.85 6.39 -2.61
N ASN A 290 -3.86 6.68 -3.44
CA ASN A 290 -2.47 6.61 -3.04
C ASN A 290 -1.73 7.93 -3.17
N ASP A 291 -2.45 9.02 -3.00
CA ASP A 291 -1.83 10.32 -2.99
C ASP A 291 -1.04 10.52 -1.68
N LYS A 292 -1.55 10.02 -0.57
CA LYS A 292 -0.93 10.28 0.73
C LYS A 292 0.19 9.26 0.99
N PRO A 293 1.16 9.64 1.82
CA PRO A 293 2.30 8.73 2.00
C PRO A 293 2.00 7.55 2.95
N PHE A 294 1.00 7.70 3.79
CA PHE A 294 0.69 6.73 4.83
C PHE A 294 -0.81 6.39 4.75
N GLN A 295 -1.17 5.29 5.39
CA GLN A 295 -2.54 4.83 5.44
C GLN A 295 -2.73 3.98 6.68
N ASN A 296 -3.93 4.01 7.23
CA ASN A 296 -4.26 3.15 8.34
CA ASN A 296 -4.31 3.22 8.37
C ASN A 296 -5.51 2.32 8.06
N VAL A 297 -5.70 2.02 6.78
CA VAL A 297 -6.82 1.17 6.37
C VAL A 297 -6.53 -0.31 6.61
N ASN A 298 -5.41 -0.82 6.10
CA ASN A 298 -5.10 -2.23 6.26
C ASN A 298 -3.61 -2.46 6.06
N ARG A 299 -3.06 -3.33 6.91
CA ARG A 299 -1.66 -3.76 6.74
C ARG A 299 -1.45 -4.60 5.46
N ILE A 300 -2.51 -5.22 4.99
CA ILE A 300 -2.47 -6.04 3.75
C ILE A 300 -2.72 -5.13 2.57
N THR A 301 -1.75 -5.03 1.67
CA THR A 301 -1.88 -4.17 0.48
C THR A 301 -1.29 -4.84 -0.77
N TYR A 302 -1.72 -4.39 -1.93
CA TYR A 302 -1.14 -4.82 -3.23
C TYR A 302 -1.07 -3.62 -4.13
N GLY A 303 0.08 -3.40 -4.76
CA GLY A 303 0.25 -2.33 -5.73
C GLY A 303 0.97 -1.11 -5.16
N ALA A 304 0.84 0.04 -5.82
CA ALA A 304 1.52 1.26 -5.36
C ALA A 304 0.72 1.84 -4.21
N CYS A 305 1.15 1.57 -2.97
CA CYS A 305 0.30 1.86 -1.82
C CYS A 305 0.99 2.76 -0.80
N PRO A 306 0.23 3.62 -0.14
CA PRO A 306 0.82 4.28 1.05
C PRO A 306 1.27 3.24 2.07
N ARG A 307 2.23 3.62 2.93
CA ARG A 307 2.73 2.72 3.96
C ARG A 307 1.75 2.69 5.15
N TYR A 308 1.50 1.50 5.64
CA TYR A 308 0.65 1.29 6.80
C TYR A 308 1.29 1.82 8.08
N VAL A 309 0.54 2.64 8.81
CA VAL A 309 0.98 3.17 10.10
C VAL A 309 -0.15 2.99 11.11
N LYS A 310 0.17 3.09 12.38
CA LYS A 310 -0.86 2.97 13.45
C LYS A 310 -1.69 4.23 13.67
N GLN A 311 -1.15 5.39 13.34
CA GLN A 311 -1.83 6.66 13.53
C GLN A 311 -3.02 6.73 12.60
N ASN A 312 -4.11 7.35 13.08
CA ASN A 312 -5.25 7.53 12.20
C ASN A 312 -5.27 8.91 11.55
N THR A 313 -4.37 9.79 11.99
CA THR A 313 -4.21 11.12 11.43
C THR A 313 -2.80 11.65 11.68
N LEU A 314 -2.22 12.28 10.67
CA LEU A 314 -0.99 13.03 10.82
C LEU A 314 -1.10 14.27 9.94
N LYS A 315 -1.13 15.44 10.55
CA LYS A 315 -1.36 16.65 9.79
C LYS A 315 -0.08 17.38 9.48
N LEU A 316 0.15 17.63 8.20
CA LEU A 316 1.30 18.40 7.74
C LEU A 316 0.87 19.85 7.57
N ALA A 317 1.55 20.76 8.26
CA ALA A 317 1.37 22.20 8.08
C ALA A 317 1.64 22.64 6.63
N THR A 318 0.71 23.44 6.09
CA THR A 318 0.87 24.01 4.76
C THR A 318 0.70 25.53 4.83
N GLY A 319 0.88 26.09 6.01
CA GLY A 319 0.87 27.51 6.21
C GLY A 319 1.59 27.85 7.51
N MET A 320 1.71 29.14 7.75
CA MET A 320 2.41 29.66 8.90
C MET A 320 1.61 29.55 10.19
N ARG A 321 2.24 29.87 11.29
CA ARG A 321 1.53 29.98 12.56
C ARG A 321 0.37 30.96 12.42
N ASN A 322 -0.77 30.58 12.98
CA ASN A 322 -1.97 31.40 12.94
C ASN A 322 -2.09 32.17 14.25
N VAL A 323 -2.07 33.50 14.16
CA VAL A 323 -1.94 34.36 15.32
C VAL A 323 -3.11 35.36 15.29
N PRO A 324 -3.91 35.38 16.36
CA PRO A 324 -5.01 36.39 16.39
C PRO A 324 -4.54 37.83 16.22
N GLU A 325 -5.39 38.66 15.63
CA GLU A 325 -5.12 40.10 15.56
C GLU A 325 -5.50 40.76 16.89
N LYS A 326 -4.55 41.43 17.53
CA LYS A 326 -4.86 42.13 18.79
C LYS A 326 -5.85 43.30 18.54
N GLN A 327 -6.76 43.51 19.48
CA GLN A 327 -7.88 44.46 19.30
C GLN A 327 -7.47 45.94 19.31
N THR A 328 -8.21 46.75 18.54
CA THR A 328 -8.03 48.20 18.50
C THR A 328 -9.31 48.90 18.07
N ALA A 334 -4.27 52.58 16.25
CA ALA A 334 -3.04 52.73 15.50
C ALA A 334 -2.63 51.39 14.90
N ILE A 335 -2.07 51.42 13.69
CA ILE A 335 -1.63 50.19 13.03
C ILE A 335 -0.51 49.51 13.82
N ALA A 336 -0.37 48.21 13.64
CA ALA A 336 0.67 47.44 14.33
C ALA A 336 1.18 46.30 13.47
N GLY A 337 2.42 45.89 13.70
CA GLY A 337 3.10 44.92 12.88
C GLY A 337 3.05 43.53 13.48
N PHE A 338 3.95 42.66 13.03
CA PHE A 338 3.83 41.25 13.30
C PHE A 338 4.13 40.78 14.72
N ILE A 339 4.73 41.61 15.56
CA ILE A 339 5.07 41.12 16.90
C ILE A 339 3.77 40.73 17.66
N GLU A 340 3.60 39.42 17.87
CA GLU A 340 2.42 38.84 18.54
C GLU A 340 1.08 39.30 17.96
N ASN A 341 0.98 39.29 16.64
CA ASN A 341 -0.15 39.91 15.96
C ASN A 341 -0.21 39.49 14.49
N GLY A 342 -1.30 38.84 14.08
CA GLY A 342 -1.52 38.54 12.67
C GLY A 342 -2.59 39.46 12.10
N TRP A 343 -2.69 39.53 10.78
CA TRP A 343 -3.60 40.43 10.09
C TRP A 343 -4.66 39.63 9.40
N GLU A 344 -5.83 39.55 10.03
CA GLU A 344 -6.92 38.82 9.41
C GLU A 344 -7.41 39.50 8.12
N GLY A 345 -7.27 40.82 8.04
CA GLY A 345 -7.64 41.56 6.84
C GLY A 345 -6.70 41.47 5.66
N MET A 346 -5.59 40.74 5.76
CA MET A 346 -4.75 40.58 4.57
C MET A 346 -5.07 39.28 3.86
N VAL A 347 -5.68 39.41 2.70
CA VAL A 347 -6.23 38.28 1.97
C VAL A 347 -5.60 38.08 0.58
N ASP A 348 -4.78 39.02 0.11
CA ASP A 348 -4.15 38.85 -1.20
C ASP A 348 -2.66 38.51 -1.13
N GLY A 349 -2.18 38.19 0.07
CA GLY A 349 -0.79 37.80 0.27
C GLY A 349 -0.61 37.21 1.64
N TRP A 350 0.55 36.61 1.89
CA TRP A 350 0.85 36.05 3.19
C TRP A 350 1.58 37.02 4.05
N TYR A 351 2.34 37.91 3.43
CA TYR A 351 3.13 38.93 4.10
C TYR A 351 2.85 40.26 3.43
N GLY A 352 3.01 41.35 4.16
CA GLY A 352 2.80 42.66 3.57
C GLY A 352 3.13 43.82 4.48
N PHE A 353 2.68 44.98 4.02
CA PHE A 353 2.98 46.25 4.62
C PHE A 353 1.68 46.95 4.95
N ARG A 354 1.65 47.63 6.08
CA ARG A 354 0.61 48.63 6.38
C ARG A 354 1.29 49.94 6.70
N HIS A 355 0.69 51.05 6.29
CA HIS A 355 1.31 52.32 6.50
C HIS A 355 0.30 53.31 6.95
N GLN A 356 0.80 54.32 7.65
CA GLN A 356 0.04 55.53 7.97
C GLN A 356 0.88 56.75 7.57
N ASN A 357 0.28 57.62 6.76
CA ASN A 357 0.97 58.80 6.30
C ASN A 357 -0.07 59.91 6.14
N SER A 358 0.34 61.05 5.57
CA SER A 358 -0.55 62.18 5.30
C SER A 358 -1.76 61.87 4.44
N GLU A 359 -1.69 60.82 3.65
CA GLU A 359 -2.74 60.46 2.70
C GLU A 359 -3.70 59.38 3.21
N GLY A 360 -3.40 58.78 4.37
CA GLY A 360 -4.29 57.80 4.98
C GLY A 360 -3.54 56.59 5.54
N ILE A 361 -4.28 55.50 5.67
CA ILE A 361 -3.80 54.21 6.16
C ILE A 361 -4.04 53.18 5.07
N GLY A 362 -3.00 52.44 4.72
CA GLY A 362 -3.09 51.50 3.62
C GLY A 362 -2.41 50.18 3.91
N GLN A 363 -2.71 49.21 3.06
CA GLN A 363 -2.15 47.87 3.11
C GLN A 363 -1.75 47.44 1.70
N ALA A 364 -0.67 46.66 1.59
CA ALA A 364 -0.30 46.02 0.35
C ALA A 364 0.44 44.72 0.69
N ALA A 365 0.18 43.68 -0.09
CA ALA A 365 0.87 42.40 0.07
C ALA A 365 2.25 42.49 -0.54
N ASP A 366 3.19 41.71 0.01
CA ASP A 366 4.53 41.55 -0.57
C ASP A 366 4.60 40.22 -1.29
N LEU A 367 4.71 40.31 -2.62
CA LEU A 367 4.61 39.12 -3.47
C LEU A 367 5.81 38.20 -3.28
N LYS A 368 7.02 38.76 -3.22
CA LYS A 368 8.24 37.95 -3.19
C LYS A 368 8.26 37.01 -2.00
N SER A 369 8.05 37.58 -0.82
CA SER A 369 8.05 36.79 0.43
C SER A 369 6.92 35.77 0.43
N THR A 370 5.73 36.17 -0.03
CA THR A 370 4.61 35.25 -0.13
C THR A 370 4.96 34.06 -1.03
N GLN A 371 5.54 34.35 -2.19
CA GLN A 371 5.80 33.29 -3.15
C GLN A 371 6.93 32.37 -2.69
N ALA A 372 7.92 32.94 -2.00
CA ALA A 372 9.02 32.16 -1.44
C ALA A 372 8.51 31.10 -0.46
N ALA A 373 7.57 31.50 0.41
CA ALA A 373 6.94 30.59 1.39
C ALA A 373 6.11 29.53 0.68
N ILE A 374 5.27 29.96 -0.26
CA ILE A 374 4.40 29.04 -0.97
C ILE A 374 5.20 28.00 -1.75
N ASN A 375 6.23 28.44 -2.46
CA ASN A 375 7.07 27.54 -3.25
C ASN A 375 7.73 26.45 -2.41
N GLN A 376 8.24 26.82 -1.24
CA GLN A 376 8.90 25.87 -0.38
C GLN A 376 7.94 24.86 0.20
N ILE A 377 6.74 25.30 0.52
CA ILE A 377 5.72 24.43 1.04
C ILE A 377 5.25 23.50 -0.09
N ASN A 378 5.08 24.04 -1.29
CA ASN A 378 4.73 23.18 -2.42
C ASN A 378 5.80 22.14 -2.75
N GLY A 379 7.06 22.51 -2.53
CA GLY A 379 8.16 21.57 -2.69
C GLY A 379 8.04 20.37 -1.78
N LYS A 380 7.72 20.62 -0.52
CA LYS A 380 7.64 19.51 0.41
C LYS A 380 6.39 18.68 0.16
N LEU A 381 5.30 19.30 -0.27
CA LEU A 381 4.14 18.54 -0.70
C LEU A 381 4.47 17.62 -1.89
N ASN A 382 5.25 18.12 -2.84
CA ASN A 382 5.63 17.35 -4.01
CA ASN A 382 5.63 17.34 -4.01
C ASN A 382 6.45 16.10 -3.64
N ARG A 383 7.26 16.20 -2.58
CA ARG A 383 8.09 15.07 -2.13
C ARG A 383 7.31 14.00 -1.39
N LEU A 384 6.17 14.38 -0.82
CA LEU A 384 5.38 13.49 0.05
C LEU A 384 4.09 12.99 -0.59
N ILE A 385 3.58 13.73 -1.58
CA ILE A 385 2.29 13.43 -2.16
C ILE A 385 2.48 12.76 -3.53
N GLY A 386 1.75 11.66 -3.73
CA GLY A 386 1.82 10.91 -4.98
C GLY A 386 3.13 10.20 -5.25
N LYS A 387 3.83 9.75 -4.19
CA LYS A 387 5.17 9.17 -4.36
C LYS A 387 5.31 7.77 -3.79
N THR A 388 4.20 7.02 -3.78
CA THR A 388 4.17 5.72 -3.14
C THR A 388 4.92 4.72 -4.02
N ASN A 389 5.41 3.67 -3.38
CA ASN A 389 6.16 2.61 -4.06
CA ASN A 389 6.13 2.63 -4.11
C ASN A 389 5.36 1.32 -4.06
N GLU A 390 5.53 0.51 -5.11
CA GLU A 390 4.80 -0.72 -5.26
C GLU A 390 5.38 -1.92 -4.50
N LYS A 391 4.49 -2.69 -3.85
CA LYS A 391 4.81 -4.01 -3.33
C LYS A 391 3.78 -5.01 -3.85
N PHE A 392 4.21 -6.26 -4.01
CA PHE A 392 3.39 -7.25 -4.65
C PHE A 392 3.19 -8.44 -3.72
N HIS A 393 3.76 -9.60 -4.00
CA HIS A 393 3.55 -10.74 -3.12
C HIS A 393 4.40 -10.59 -1.88
N GLN A 394 3.80 -10.74 -0.72
CA GLN A 394 4.47 -10.44 0.55
CA GLN A 394 4.50 -10.46 0.55
C GLN A 394 4.39 -11.67 1.47
N ILE A 395 3.95 -11.50 2.72
CA ILE A 395 3.75 -12.64 3.60
C ILE A 395 2.30 -12.50 4.03
N GLU A 396 1.73 -13.56 4.58
CA GLU A 396 0.38 -13.49 5.13
C GLU A 396 0.40 -12.75 6.47
N LYS A 397 -0.68 -12.04 6.75
CA LYS A 397 -0.73 -11.16 7.93
C LYS A 397 -1.97 -11.40 8.82
N GLU A 398 -2.81 -12.32 8.40
CA GLU A 398 -3.96 -12.81 9.18
C GLU A 398 -3.99 -14.32 9.05
N PHE A 399 -4.41 -15.00 10.11
CA PHE A 399 -4.34 -16.46 10.15
C PHE A 399 -5.63 -17.06 10.77
N SER A 400 -6.20 -18.05 10.13
CA SER A 400 -7.43 -18.72 10.62
C SER A 400 -7.15 -19.87 11.59
N GLU A 401 -5.93 -20.39 11.60
CA GLU A 401 -5.55 -21.50 12.50
C GLU A 401 -4.38 -21.12 13.39
N VAL A 402 -4.32 -21.76 14.55
CA VAL A 402 -3.20 -21.65 15.49
C VAL A 402 -2.08 -22.55 14.98
N GLU A 403 -0.84 -22.06 14.92
CA GLU A 403 0.29 -22.83 14.37
C GLU A 403 1.59 -22.83 15.18
N GLY A 404 1.79 -21.82 16.01
CA GLY A 404 2.99 -21.72 16.84
C GLY A 404 4.12 -20.98 16.11
N ARG A 405 5.29 -21.60 16.06
CA ARG A 405 6.56 -20.91 15.82
C ARG A 405 6.64 -20.06 14.54
N ILE A 406 6.30 -20.65 13.40
CA ILE A 406 6.39 -19.91 12.15
C ILE A 406 5.45 -18.70 12.11
N GLN A 407 4.24 -18.91 12.62
CA GLN A 407 3.24 -17.86 12.69
C GLN A 407 3.65 -16.76 13.66
N ASP A 408 4.25 -17.14 14.78
CA ASP A 408 4.75 -16.17 15.75
C ASP A 408 5.76 -15.25 15.04
N LEU A 409 6.63 -15.84 14.23
CA LEU A 409 7.65 -15.06 13.54
C LEU A 409 7.03 -14.15 12.48
N GLU A 410 6.11 -14.67 11.68
CA GLU A 410 5.43 -13.83 10.66
C GLU A 410 4.74 -12.64 11.33
N LYS A 411 4.04 -12.87 12.43
CA LYS A 411 3.41 -11.78 13.16
C LYS A 411 4.41 -10.77 13.75
N TYR A 412 5.52 -11.25 14.30
CA TYR A 412 6.49 -10.37 14.92
C TYR A 412 7.19 -9.50 13.86
N VAL A 413 7.47 -10.08 12.70
CA VAL A 413 8.08 -9.36 11.60
C VAL A 413 7.19 -8.17 11.18
N GLU A 414 5.89 -8.45 11.06
CA GLU A 414 4.97 -7.43 10.62
C GLU A 414 4.78 -6.38 11.69
N ASP A 415 4.60 -6.80 12.94
CA ASP A 415 4.48 -5.84 14.06
C ASP A 415 5.71 -4.92 14.17
N THR A 416 6.89 -5.51 14.01
CA THR A 416 8.14 -4.77 14.06
C THR A 416 8.18 -3.69 12.99
N LYS A 417 7.83 -4.09 11.77
CA LYS A 417 7.83 -3.22 10.62
C LYS A 417 6.89 -2.06 10.84
N ILE A 418 5.67 -2.34 11.29
CA ILE A 418 4.65 -1.29 11.44
C ILE A 418 5.08 -0.28 12.51
N ASP A 419 5.67 -0.75 13.60
CA ASP A 419 6.08 0.14 14.65
C ASP A 419 7.20 1.07 14.16
N LEU A 420 8.12 0.52 13.38
CA LEU A 420 9.22 1.33 12.82
C LEU A 420 8.72 2.38 11.85
N TRP A 421 7.82 1.99 10.95
CA TRP A 421 7.21 3.00 10.07
C TRP A 421 6.36 4.04 10.76
N SER A 422 5.59 3.63 11.77
CA SER A 422 4.80 4.56 12.55
C SER A 422 5.69 5.61 13.24
N TYR A 423 6.83 5.16 13.74
CA TYR A 423 7.81 6.04 14.37
C TYR A 423 8.35 7.00 13.29
N ASN A 424 8.75 6.48 12.12
CA ASN A 424 9.28 7.35 11.07
C ASN A 424 8.26 8.42 10.65
N ALA A 425 7.01 8.01 10.56
CA ALA A 425 5.94 8.92 10.16
C ALA A 425 5.77 10.05 11.17
N GLU A 426 5.74 9.67 12.44
CA GLU A 426 5.60 10.62 13.55
C GLU A 426 6.74 11.67 13.54
N LEU A 427 7.97 11.20 13.49
CA LEU A 427 9.14 12.09 13.43
C LEU A 427 9.15 12.97 12.18
N LEU A 428 8.87 12.38 11.03
CA LEU A 428 8.95 13.11 9.76
C LEU A 428 7.99 14.30 9.78
N VAL A 429 6.78 14.07 10.25
CA VAL A 429 5.78 15.13 10.24
C VAL A 429 6.11 16.22 11.28
N ALA A 430 6.62 15.81 12.45
CA ALA A 430 7.07 16.76 13.45
C ALA A 430 8.24 17.62 12.91
N LEU A 431 9.19 16.98 12.24
CA LEU A 431 10.34 17.71 11.67
C LEU A 431 9.91 18.64 10.56
N GLU A 432 9.10 18.15 9.64
CA GLU A 432 8.62 18.95 8.53
C GLU A 432 7.83 20.14 9.03
N ASN A 433 6.97 19.94 10.01
CA ASN A 433 6.17 21.04 10.55
C ASN A 433 7.01 22.10 11.27
N GLN A 434 8.01 21.65 12.00
CA GLN A 434 8.95 22.56 12.59
C GLN A 434 9.66 23.39 11.52
N HIS A 435 10.04 22.74 10.43
CA HIS A 435 10.73 23.40 9.34
C HIS A 435 9.81 24.45 8.66
N THR A 436 8.57 24.08 8.47
CA THR A 436 7.55 25.01 7.90
C THR A 436 7.32 26.24 8.78
N ILE A 437 7.19 26.05 10.09
CA ILE A 437 7.07 27.16 11.02
C ILE A 437 8.33 28.03 10.90
N ASP A 438 9.50 27.42 10.92
CA ASP A 438 10.76 28.14 10.79
C ASP A 438 10.92 28.94 9.47
N LEU A 439 10.61 28.35 8.33
CA LEU A 439 10.75 29.01 7.04
C LEU A 439 9.74 30.18 6.86
N THR A 440 8.55 30.03 7.43
CA THR A 440 7.54 31.09 7.33
C THR A 440 7.82 32.22 8.29
N ASP A 441 8.30 31.88 9.50
CA ASP A 441 8.80 32.90 10.41
C ASP A 441 9.99 33.63 9.76
N SER A 442 10.88 32.85 9.14
CA SER A 442 12.05 33.44 8.49
C SER A 442 11.69 34.45 7.37
N GLU A 443 10.74 34.13 6.50
CA GLU A 443 10.28 35.10 5.48
C GLU A 443 9.79 36.40 6.10
N MET A 444 9.10 36.34 7.23
CA MET A 444 8.65 37.58 7.93
C MET A 444 9.87 38.38 8.41
N ASN A 445 10.80 37.69 9.03
CA ASN A 445 11.98 38.35 9.60
C ASN A 445 12.86 38.94 8.52
N LYS A 446 12.97 38.26 7.39
CA LYS A 446 13.80 38.74 6.28
C LYS A 446 13.19 40.01 5.66
N LEU A 447 11.87 40.05 5.56
CA LEU A 447 11.17 41.22 5.01
C LEU A 447 11.41 42.42 5.92
N PHE A 448 11.30 42.21 7.23
CA PHE A 448 11.56 43.28 8.18
C PHE A 448 12.99 43.79 8.04
N GLU A 449 13.94 42.88 7.97
CA GLU A 449 15.35 43.29 7.88
C GLU A 449 15.68 44.02 6.60
N ARG A 450 15.16 43.56 5.46
CA ARG A 450 15.37 44.25 4.18
C ARG A 450 14.86 45.69 4.28
N THR A 451 13.68 45.86 4.86
CA THR A 451 13.08 47.19 5.02
C THR A 451 13.92 48.06 5.95
N LYS A 452 14.39 47.49 7.05
CA LYS A 452 15.19 48.22 8.01
C LYS A 452 16.45 48.77 7.31
N LYS A 453 17.01 47.96 6.44
CA LYS A 453 18.28 48.32 5.79
C LYS A 453 18.06 49.42 4.74
N GLN A 454 16.93 49.38 4.02
CA GLN A 454 16.61 50.46 3.08
C GLN A 454 16.52 51.78 3.79
N LEU A 455 15.91 51.79 4.98
CA LEU A 455 15.58 53.04 5.65
C LEU A 455 16.78 53.75 6.26
N ARG A 456 17.86 53.01 6.53
CA ARG A 456 19.11 53.58 7.06
C ARG A 456 18.86 54.40 8.29
N GLU A 457 19.28 55.66 8.33
CA GLU A 457 19.09 56.53 9.47
C GLU A 457 17.76 57.31 9.43
N ASN A 458 16.85 56.95 8.54
CA ASN A 458 15.65 57.78 8.34
C ASN A 458 14.46 57.27 9.16
N ALA A 459 14.67 56.18 9.86
CA ALA A 459 13.59 55.55 10.62
C ALA A 459 14.11 54.92 11.89
N GLU A 460 13.21 54.68 12.84
CA GLU A 460 13.51 53.90 14.04
C GLU A 460 12.51 52.75 14.21
N ASP A 461 13.02 51.64 14.72
CA ASP A 461 12.23 50.46 15.01
C ASP A 461 11.40 50.69 16.28
N MET A 462 10.09 50.64 16.16
CA MET A 462 9.18 50.91 17.29
C MET A 462 8.96 49.70 18.20
N GLY A 463 9.48 48.53 17.84
CA GLY A 463 9.41 47.36 18.70
C GLY A 463 8.21 46.46 18.49
N ASN A 464 7.31 46.86 17.60
CA ASN A 464 6.06 46.14 17.37
C ASN A 464 5.96 45.63 15.94
N GLY A 465 7.09 45.52 15.25
CA GLY A 465 7.13 45.21 13.82
C GLY A 465 6.87 46.40 12.91
N CYS A 466 6.92 47.60 13.44
CA CYS A 466 6.76 48.84 12.68
C CYS A 466 7.98 49.78 12.80
N PHE A 467 8.14 50.58 11.77
CA PHE A 467 9.09 51.67 11.74
C PHE A 467 8.39 53.03 11.86
N LYS A 468 8.96 53.91 12.67
CA LYS A 468 8.62 55.32 12.64
C LYS A 468 9.57 55.96 11.63
N ILE A 469 9.02 56.45 10.53
CA ILE A 469 9.79 57.09 9.49
C ILE A 469 9.77 58.59 9.78
N TYR A 470 10.95 59.20 9.92
CA TYR A 470 11.05 60.56 10.44
C TYR A 470 11.01 61.64 9.36
N HIS A 471 10.28 61.38 8.29
CA HIS A 471 10.06 62.39 7.27
C HIS A 471 8.72 62.20 6.63
N LYS A 472 8.27 63.21 5.92
CA LYS A 472 7.04 63.10 5.20
C LYS A 472 7.22 62.03 4.15
N CYS A 473 6.33 61.06 4.11
CA CYS A 473 6.48 59.92 3.20
C CYS A 473 5.10 59.62 2.64
N ASP A 474 4.81 60.22 1.49
CA ASP A 474 3.51 60.07 0.83
C ASP A 474 3.36 58.70 0.16
N ASN A 475 2.26 58.50 -0.58
CA ASN A 475 1.97 57.17 -1.08
C ASN A 475 3.05 56.63 -2.02
N ALA A 476 3.60 57.51 -2.86
CA ALA A 476 4.66 57.13 -3.77
C ALA A 476 5.94 56.79 -3.02
N CYS A 477 6.21 57.53 -1.96
CA CYS A 477 7.37 57.25 -1.11
C CYS A 477 7.25 55.88 -0.45
N ILE A 478 6.09 55.58 0.13
CA ILE A 478 5.84 54.26 0.72
C ILE A 478 5.99 53.17 -0.33
N GLY A 479 5.42 53.43 -1.51
CA GLY A 479 5.55 52.54 -2.66
C GLY A 479 7.00 52.27 -3.04
N SER A 480 7.85 53.28 -2.96
CA SER A 480 9.25 53.10 -3.28
C SER A 480 9.97 52.16 -2.29
N ILE A 481 9.55 52.19 -1.02
CA ILE A 481 10.11 51.31 0.01
C ILE A 481 9.67 49.89 -0.28
N ARG A 482 8.38 49.72 -0.51
CA ARG A 482 7.82 48.42 -0.86
C ARG A 482 8.45 47.81 -2.11
N ASN A 483 8.75 48.64 -3.11
CA ASN A 483 9.35 48.21 -4.38
C ASN A 483 10.88 48.14 -4.35
N GLY A 484 11.49 48.56 -3.25
CA GLY A 484 12.92 48.46 -3.08
C GLY A 484 13.72 49.49 -3.85
N THR A 485 13.09 50.63 -4.16
CA THR A 485 13.77 51.73 -4.85
C THR A 485 13.85 53.04 -4.02
N TYR A 486 13.52 52.97 -2.74
CA TYR A 486 13.63 54.13 -1.84
C TYR A 486 15.08 54.57 -1.76
N ASP A 487 15.31 55.86 -1.98
CA ASP A 487 16.65 56.45 -1.89
C ASP A 487 16.77 57.23 -0.57
N HIS A 488 17.46 56.65 0.40
CA HIS A 488 17.48 57.24 1.74
C HIS A 488 18.16 58.59 1.76
N ASP A 489 19.08 58.84 0.83
CA ASP A 489 19.81 60.12 0.80
C ASP A 489 18.90 61.31 0.56
N VAL A 490 17.87 61.11 -0.25
CA VAL A 490 16.90 62.17 -0.57
C VAL A 490 16.29 62.77 0.69
N TYR A 491 16.04 61.92 1.70
CA TYR A 491 15.29 62.32 2.89
C TYR A 491 16.12 62.45 4.15
N ARG A 492 17.41 62.12 4.09
CA ARG A 492 18.24 62.02 5.28
C ARG A 492 18.36 63.30 6.07
N ASP A 493 18.57 64.43 5.40
CA ASP A 493 18.63 65.73 6.10
C ASP A 493 17.35 65.99 6.90
N GLU A 494 16.20 65.81 6.26
CA GLU A 494 14.89 66.00 6.93
C GLU A 494 14.77 65.04 8.10
N ALA A 495 15.11 63.78 7.86
CA ALA A 495 14.91 62.75 8.88
C ALA A 495 15.81 62.99 10.09
N LEU A 496 17.08 63.31 9.83
CA LEU A 496 18.03 63.55 10.94
C LEU A 496 17.66 64.74 11.79
N ASN A 497 17.14 65.80 11.16
CA ASN A 497 16.65 66.95 11.90
CA ASN A 497 16.65 66.95 11.89
C ASN A 497 15.49 66.58 12.80
N ASN A 498 14.56 65.78 12.29
CA ASN A 498 13.42 65.33 13.10
C ASN A 498 13.80 64.35 14.21
N ARG A 499 14.73 63.44 13.94
CA ARG A 499 15.13 62.43 14.95
C ARG A 499 15.92 63.02 16.08
N PHE A 500 16.94 63.80 15.71
CA PHE A 500 17.90 64.28 16.67
C PHE A 500 17.70 65.76 16.83
N GLN A 501 16.49 66.09 17.31
CA GLN A 501 16.16 67.42 17.78
C GLN A 501 16.15 67.34 19.30
N ILE A 502 16.03 68.48 19.95
CA ILE A 502 15.84 68.53 21.40
C ILE A 502 14.47 69.14 21.68
N LYS A 503 13.59 68.35 22.31
CA LYS A 503 12.26 68.80 22.66
C LYS A 503 12.28 69.48 24.03
#